data_6B30
#
_entry.id   6B30
#
_cell.length_a   97.217
_cell.length_b   97.217
_cell.length_c   131.561
_cell.angle_alpha   90.000
_cell.angle_beta   90.000
_cell.angle_gamma   120.000
#
_symmetry.space_group_name_H-M   'P 61'
#
loop_
_entity.id
_entity.type
_entity.pdbx_description
1 polymer 'Nuclear receptor ROR-gamma'
2 non-polymer N-[(1R)-1-(4-methoxyphenyl)-2-oxo-2-{[4-(trimethylsilyl)phenyl]amino}ethyl]-N-methyl-3-oxo-2,3-dihydro-1,2-oxazole-5-carboxamide
3 water water
#
_entity_poly.entity_id   1
_entity_poly.type   'polypeptide(L)'
_entity_poly.pdbx_seq_one_letter_code
;ASLTEIEHLVQSVCKSYRETCQLRLEDLLRQRSNIFSREEVTGYQRKSMWEMWERCAHHLTEAIQYVVEFAKRLSGFMEL
CQNDQIVLLKAGAMEVVLVRMCRAYNADNRTVFFEGKYGGMELFRALGCSELISSIFDFSHSLSALHFSEDEIALYTALV
LINAHRPGLQEKRKVEQLQYNLELAFHHHLCKTHRQSILAKLPPKGKLRSLCSQH
;
_entity_poly.pdbx_strand_id   A,B
#
loop_
_chem_comp.id
_chem_comp.type
_chem_comp.name
_chem_comp.formula
CFG non-polymer N-[(1R)-1-(4-methoxyphenyl)-2-oxo-2-{[4-(trimethylsilyl)phenyl]amino}ethyl]-N-methyl-3-oxo-2,3-dihydro-1,2-oxazole-5-carboxamide 'C23 H27 N3 O5 Si'
#
# COMPACT_ATOMS: atom_id res chain seq x y z
N ALA A 1 -31.33 -21.19 -2.86
CA ALA A 1 -31.38 -20.19 -1.75
C ALA A 1 -32.75 -19.50 -1.68
N SER A 2 -33.59 -19.89 -0.70
CA SER A 2 -34.92 -19.27 -0.50
C SER A 2 -34.80 -17.82 0.06
N LEU A 3 -35.93 -17.22 0.44
CA LEU A 3 -35.95 -15.84 0.93
C LEU A 3 -35.45 -15.62 2.37
N THR A 4 -35.59 -16.62 3.24
CA THR A 4 -35.03 -16.54 4.60
C THR A 4 -33.48 -16.53 4.55
N GLU A 5 -32.92 -17.22 3.56
CA GLU A 5 -31.47 -17.20 3.32
C GLU A 5 -30.99 -15.85 2.81
N ILE A 6 -31.75 -15.26 1.87
CA ILE A 6 -31.46 -13.92 1.34
C ILE A 6 -31.51 -12.87 2.45
N GLU A 7 -32.39 -13.06 3.42
CA GLU A 7 -32.50 -12.11 4.54
C GLU A 7 -31.27 -12.13 5.45
N HIS A 8 -30.62 -13.30 5.57
CA HIS A 8 -29.34 -13.40 6.28
C HIS A 8 -28.24 -12.66 5.53
N LEU A 9 -28.26 -12.77 4.20
CA LEU A 9 -27.32 -12.04 3.33
C LEU A 9 -27.39 -10.52 3.55
N VAL A 10 -28.61 -9.97 3.66
CA VAL A 10 -28.81 -8.54 3.88
C VAL A 10 -28.20 -8.11 5.21
N GLN A 11 -28.61 -8.80 6.27
CA GLN A 11 -28.13 -8.52 7.63
C GLN A 11 -26.63 -8.67 7.73
N SER A 12 -26.09 -9.66 7.03
CA SER A 12 -24.64 -9.91 6.97
C SER A 12 -23.88 -8.80 6.21
N VAL A 13 -24.38 -8.40 5.04
CA VAL A 13 -23.77 -7.31 4.29
C VAL A 13 -23.81 -6.01 5.11
N CYS A 14 -24.93 -5.80 5.81
CA CYS A 14 -25.10 -4.60 6.64
C CYS A 14 -24.22 -4.58 7.88
N LYS A 15 -23.97 -5.74 8.46
CA LYS A 15 -23.06 -5.85 9.61
C LYS A 15 -21.63 -5.50 9.19
N SER A 16 -21.17 -6.13 8.11
CA SER A 16 -19.83 -5.87 7.53
C SER A 16 -19.64 -4.42 7.20
N TYR A 17 -20.64 -3.78 6.60
CA TYR A 17 -20.55 -2.35 6.32
C TYR A 17 -20.46 -1.54 7.61
N ARG A 18 -21.27 -1.86 8.61
CA ARG A 18 -21.23 -1.12 9.88
C ARG A 18 -19.88 -1.23 10.58
N GLU A 19 -19.27 -2.40 10.49
CA GLU A 19 -17.98 -2.66 11.11
C GLU A 19 -16.84 -2.00 10.33
N THR A 20 -16.97 -1.92 9.01
CA THR A 20 -15.89 -1.47 8.14
C THR A 20 -16.12 -0.09 7.52
N CYS A 21 -17.04 0.71 8.05
CA CYS A 21 -17.42 1.97 7.37
C CYS A 21 -16.46 3.13 7.60
N GLN A 22 -15.43 2.91 8.43
CA GLN A 22 -14.31 3.84 8.63
C GLN A 22 -14.69 5.04 9.47
N LEU A 23 -15.68 5.81 9.04
CA LEU A 23 -16.19 6.93 9.82
C LEU A 23 -17.69 6.78 10.01
N ARG A 24 -18.14 7.02 11.24
CA ARG A 24 -19.57 7.00 11.60
C ARG A 24 -20.29 8.16 10.92
N LEU A 25 -21.50 7.89 10.45
CA LEU A 25 -22.34 8.92 9.83
C LEU A 25 -22.64 10.03 10.83
N GLU A 26 -23.03 9.66 12.05
CA GLU A 26 -23.30 10.61 13.14
C GLU A 26 -22.18 11.63 13.29
N ASP A 27 -20.93 11.16 13.23
CA ASP A 27 -19.74 12.03 13.35
C ASP A 27 -19.58 12.95 12.14
N LEU A 28 -19.75 12.41 10.94
CA LEU A 28 -19.70 13.24 9.72
C LEU A 28 -20.74 14.37 9.74
N LEU A 29 -21.95 14.07 10.21
CA LEU A 29 -23.02 15.09 10.33
C LEU A 29 -22.77 16.08 11.45
N ARG A 30 -22.32 15.58 12.59
CA ARG A 30 -21.92 16.43 13.73
C ARG A 30 -20.90 17.47 13.25
N GLN A 31 -19.89 16.96 12.53
CA GLN A 31 -18.76 17.74 12.05
C GLN A 31 -19.04 18.68 10.86
N ARG A 32 -20.21 18.57 10.22
CA ARG A 32 -20.60 19.50 9.12
C ARG A 32 -20.45 20.98 9.41
N SER A 33 -20.70 21.36 10.66
CA SER A 33 -20.52 22.74 11.14
C SER A 33 -19.06 23.19 11.19
N ASN A 34 -18.14 22.26 11.45
CA ASN A 34 -16.70 22.53 11.57
C ASN A 34 -16.05 22.70 10.17
N ILE A 35 -15.86 23.95 9.75
CA ILE A 35 -15.47 24.29 8.38
C ILE A 35 -14.10 24.98 8.35
N PHE A 36 -13.34 24.71 7.29
CA PHE A 36 -12.08 25.40 7.05
C PHE A 36 -12.27 26.89 6.81
N SER A 37 -11.50 27.70 7.52
CA SER A 37 -11.47 29.15 7.30
C SER A 37 -10.75 29.49 6.00
N ARG A 38 -10.83 30.74 5.57
CA ARG A 38 -10.09 31.19 4.39
C ARG A 38 -8.57 31.04 4.55
N GLU A 39 -8.09 31.21 5.78
CA GLU A 39 -6.67 31.11 6.07
C GLU A 39 -6.22 29.68 5.87
N GLU A 40 -6.97 28.75 6.46
CA GLU A 40 -6.67 27.32 6.35
C GLU A 40 -6.72 26.81 4.91
N VAL A 41 -7.74 27.26 4.17
CA VAL A 41 -7.92 26.98 2.74
C VAL A 41 -6.70 27.43 1.94
N THR A 42 -6.37 28.71 2.09
CA THR A 42 -5.16 29.28 1.48
C THR A 42 -3.95 28.43 1.81
N GLY A 43 -3.87 27.97 3.06
CA GLY A 43 -2.80 27.08 3.49
C GLY A 43 -2.66 25.84 2.65
N TYR A 44 -3.80 25.19 2.39
CA TYR A 44 -3.82 24.05 1.49
C TYR A 44 -3.53 24.43 0.04
N GLN A 45 -4.04 25.58 -0.40
CA GLN A 45 -3.79 26.00 -1.78
C GLN A 45 -2.32 26.26 -2.06
N ARG A 46 -1.61 26.75 -1.05
CA ARG A 46 -0.20 27.05 -1.18
C ARG A 46 0.67 25.80 -1.31
N LYS A 47 0.22 24.67 -0.76
CA LYS A 47 1.00 23.45 -0.80
C LYS A 47 1.29 23.03 -2.23
N SER A 48 2.39 22.31 -2.41
CA SER A 48 2.79 21.73 -3.70
C SER A 48 1.78 20.70 -4.16
N MET A 49 1.70 20.51 -5.48
CA MET A 49 0.90 19.45 -6.08
C MET A 49 1.35 18.07 -5.57
N TRP A 50 2.64 17.92 -5.30
CA TRP A 50 3.18 16.68 -4.76
C TRP A 50 2.75 16.39 -3.34
N GLU A 51 2.65 17.44 -2.51
CA GLU A 51 2.26 17.27 -1.13
C GLU A 51 0.78 16.88 -1.04
N MET A 52 -0.05 17.60 -1.79
CA MET A 52 -1.48 17.33 -1.85
C MET A 52 -1.78 15.95 -2.43
N TRP A 53 -1.07 15.52 -3.47
CA TRP A 53 -1.21 14.14 -3.98
C TRP A 53 -0.82 13.12 -2.92
N GLU A 54 0.26 13.34 -2.19
CA GLU A 54 0.66 12.40 -1.13
C GLU A 54 -0.35 12.34 0.00
N ARG A 55 -0.98 13.46 0.32
CA ARG A 55 -2.03 13.47 1.34
C ARG A 55 -3.27 12.70 0.92
N CYS A 56 -3.80 13.07 -0.24
CA CYS A 56 -4.96 12.42 -0.82
C CYS A 56 -4.71 10.93 -1.07
N ALA A 57 -3.52 10.61 -1.57
CA ALA A 57 -3.11 9.21 -1.78
C ALA A 57 -3.08 8.43 -0.47
N HIS A 58 -2.54 9.02 0.60
CA HIS A 58 -2.53 8.37 1.91
C HIS A 58 -3.94 8.08 2.35
N HIS A 59 -4.79 9.11 2.32
CA HIS A 59 -6.15 8.96 2.82
C HIS A 59 -6.96 7.97 2.01
N LEU A 60 -6.84 8.04 0.68
CA LEU A 60 -7.55 7.11 -0.21
C LEU A 60 -7.07 5.66 -0.10
N THR A 61 -5.77 5.47 0.08
CA THR A 61 -5.21 4.14 0.37
C THR A 61 -5.73 3.57 1.71
N GLU A 62 -5.84 4.43 2.72
CA GLU A 62 -6.41 4.03 3.99
C GLU A 62 -7.86 3.57 3.76
N ALA A 63 -8.65 4.41 3.11
CA ALA A 63 -10.04 4.08 2.78
C ALA A 63 -10.14 2.76 2.03
N ILE A 64 -9.17 2.51 1.14
CA ILE A 64 -9.16 1.28 0.35
C ILE A 64 -8.98 0.06 1.25
N GLN A 65 -8.21 0.16 2.32
CA GLN A 65 -8.05 -0.97 3.25
C GLN A 65 -9.38 -1.36 3.93
N TYR A 66 -10.18 -0.38 4.31
CA TYR A 66 -11.51 -0.64 4.87
C TYR A 66 -12.44 -1.32 3.86
N VAL A 67 -12.32 -0.94 2.59
CA VAL A 67 -13.07 -1.63 1.52
C VAL A 67 -12.62 -3.08 1.39
N VAL A 68 -11.33 -3.35 1.63
CA VAL A 68 -10.80 -4.72 1.62
C VAL A 68 -11.37 -5.52 2.80
N GLU A 69 -11.38 -4.93 3.99
CA GLU A 69 -12.08 -5.57 5.13
C GLU A 69 -13.57 -5.85 4.84
N PHE A 70 -14.27 -4.84 4.31
CA PHE A 70 -15.68 -4.99 3.93
C PHE A 70 -15.86 -6.24 3.09
N ALA A 71 -15.04 -6.37 2.05
CA ALA A 71 -15.08 -7.52 1.15
C ALA A 71 -14.75 -8.86 1.85
N LYS A 72 -13.73 -8.85 2.72
CA LYS A 72 -13.33 -10.05 3.47
C LYS A 72 -14.49 -10.59 4.31
N ARG A 73 -15.21 -9.68 4.97
CA ARG A 73 -16.33 -10.05 5.84
C ARG A 73 -17.63 -10.43 5.12
N LEU A 74 -17.70 -10.27 3.79
CA LEU A 74 -18.80 -10.86 3.01
C LEU A 74 -18.57 -12.36 2.86
N SER A 75 -19.44 -13.16 3.45
CA SER A 75 -19.49 -14.60 3.16
C SER A 75 -20.03 -14.77 1.75
N GLY A 76 -19.28 -15.51 0.95
CA GLY A 76 -19.50 -15.57 -0.48
C GLY A 76 -18.27 -15.06 -1.16
N PHE A 77 -17.69 -13.98 -0.63
CA PHE A 77 -16.46 -13.43 -1.19
C PHE A 77 -15.26 -14.35 -1.02
N MET A 78 -15.04 -14.78 0.22
CA MET A 78 -13.90 -15.66 0.54
C MET A 78 -13.99 -17.04 -0.14
N GLU A 79 -15.21 -17.48 -0.46
CA GLU A 79 -15.40 -18.71 -1.23
C GLU A 79 -14.99 -18.60 -2.71
N LEU A 80 -14.76 -17.40 -3.22
CA LEU A 80 -14.17 -17.22 -4.57
C LEU A 80 -12.67 -17.56 -4.55
N CYS A 81 -12.12 -17.80 -5.74
CA CYS A 81 -10.69 -18.11 -5.87
C CYS A 81 -9.78 -16.89 -5.59
N GLN A 82 -8.49 -17.17 -5.38
CA GLN A 82 -7.49 -16.13 -5.11
C GLN A 82 -7.52 -15.04 -6.19
N ASN A 83 -7.49 -15.47 -7.45
CA ASN A 83 -7.41 -14.57 -8.62
C ASN A 83 -8.59 -13.60 -8.69
N ASP A 84 -9.80 -14.16 -8.64
CA ASP A 84 -11.02 -13.38 -8.83
C ASP A 84 -11.20 -12.34 -7.72
N GLN A 85 -10.87 -12.71 -6.48
CA GLN A 85 -10.83 -11.74 -5.36
C GLN A 85 -9.98 -10.52 -5.70
N ILE A 86 -8.80 -10.74 -6.27
CA ILE A 86 -7.91 -9.63 -6.64
C ILE A 86 -8.50 -8.83 -7.80
N VAL A 87 -8.97 -9.51 -8.85
CA VAL A 87 -9.58 -8.84 -10.00
C VAL A 87 -10.67 -7.88 -9.53
N LEU A 88 -11.60 -8.39 -8.71
CA LEU A 88 -12.74 -7.59 -8.25
C LEU A 88 -12.33 -6.36 -7.43
N LEU A 89 -11.42 -6.54 -6.49
CA LEU A 89 -10.94 -5.43 -5.66
C LEU A 89 -10.13 -4.42 -6.47
N LYS A 90 -9.32 -4.91 -7.41
CA LYS A 90 -8.58 -4.06 -8.35
C LYS A 90 -9.55 -3.16 -9.10
N ALA A 91 -10.62 -3.75 -9.64
CA ALA A 91 -11.57 -3.04 -10.50
C ALA A 91 -12.52 -2.07 -9.77
N GLY A 92 -12.87 -2.41 -8.53
CA GLY A 92 -13.99 -1.78 -7.82
C GLY A 92 -13.71 -1.09 -6.50
N ALA A 93 -12.59 -1.37 -5.85
CA ALA A 93 -12.32 -0.79 -4.54
C ALA A 93 -12.46 0.73 -4.52
N MET A 94 -11.98 1.38 -5.56
CA MET A 94 -11.97 2.85 -5.64
C MET A 94 -13.35 3.38 -5.97
N GLU A 95 -14.08 2.68 -6.83
CA GLU A 95 -15.48 2.98 -7.06
C GLU A 95 -16.22 2.96 -5.72
N VAL A 96 -15.95 1.93 -4.91
CA VAL A 96 -16.59 1.80 -3.60
C VAL A 96 -16.23 2.95 -2.69
N VAL A 97 -14.96 3.32 -2.68
CA VAL A 97 -14.53 4.47 -1.89
C VAL A 97 -15.30 5.72 -2.30
N LEU A 98 -15.38 5.99 -3.60
CA LEU A 98 -16.07 7.19 -4.07
C LEU A 98 -17.52 7.21 -3.62
N VAL A 99 -18.20 6.09 -3.81
CA VAL A 99 -19.57 5.97 -3.35
C VAL A 99 -19.67 6.26 -1.86
N ARG A 100 -18.83 5.62 -1.06
CA ARG A 100 -18.79 5.85 0.38
C ARG A 100 -18.59 7.30 0.76
N MET A 101 -17.83 8.03 -0.06
CA MET A 101 -17.54 9.42 0.24
C MET A 101 -18.75 10.34 0.29
N CYS A 102 -19.85 9.99 -0.39
CA CYS A 102 -21.05 10.85 -0.39
C CYS A 102 -21.53 11.14 1.04
N ARG A 103 -21.34 10.18 1.94
CA ARG A 103 -21.62 10.35 3.37
C ARG A 103 -20.86 11.53 4.00
N ALA A 104 -19.67 11.81 3.47
CA ALA A 104 -18.84 12.92 3.89
C ALA A 104 -19.02 14.17 3.03
N TYR A 105 -20.04 14.20 2.18
CA TYR A 105 -20.35 15.36 1.33
C TYR A 105 -21.59 16.06 1.87
N ASN A 106 -21.50 17.39 2.00
CA ASN A 106 -22.60 18.23 2.42
C ASN A 106 -23.07 19.08 1.24
N ALA A 107 -24.28 18.77 0.74
CA ALA A 107 -24.84 19.41 -0.45
C ALA A 107 -25.35 20.84 -0.23
N ASP A 108 -25.64 21.20 1.02
CA ASP A 108 -26.04 22.58 1.35
C ASP A 108 -24.99 23.60 0.97
N ASN A 109 -23.73 23.29 1.27
CA ASN A 109 -22.61 24.20 1.02
C ASN A 109 -21.52 23.65 0.07
N ARG A 110 -21.80 22.53 -0.59
CA ARG A 110 -20.86 21.86 -1.50
C ARG A 110 -19.45 21.62 -0.90
N THR A 111 -19.40 21.14 0.34
CA THR A 111 -18.14 20.82 1.01
C THR A 111 -18.01 19.31 1.25
N VAL A 112 -16.75 18.87 1.43
CA VAL A 112 -16.42 17.47 1.71
C VAL A 112 -15.50 17.39 2.93
N PHE A 113 -15.65 16.32 3.72
CA PHE A 113 -14.80 16.12 4.90
C PHE A 113 -13.37 15.76 4.49
N PHE A 114 -12.44 16.62 4.84
CA PHE A 114 -11.03 16.44 4.53
C PHE A 114 -10.16 16.88 5.69
N GLU A 115 -9.34 15.97 6.20
CA GLU A 115 -8.41 16.25 7.30
C GLU A 115 -9.03 16.97 8.49
N GLY A 116 -10.21 16.51 8.91
CA GLY A 116 -10.85 16.97 10.15
C GLY A 116 -11.88 18.07 10.01
N LYS A 117 -11.96 18.71 8.85
CA LYS A 117 -12.98 19.73 8.59
C LYS A 117 -13.61 19.57 7.19
N TYR A 118 -14.69 20.31 6.97
CA TYR A 118 -15.33 20.42 5.68
C TYR A 118 -14.74 21.55 4.84
N GLY A 119 -14.50 21.26 3.55
CA GLY A 119 -14.06 22.27 2.59
C GLY A 119 -14.60 22.07 1.19
N GLY A 120 -14.65 23.16 0.43
CA GLY A 120 -15.05 23.11 -0.98
C GLY A 120 -13.94 22.62 -1.87
N MET A 121 -14.23 22.51 -3.16
CA MET A 121 -13.29 21.98 -4.14
C MET A 121 -12.05 22.85 -4.41
N GLU A 122 -12.18 24.15 -4.16
CA GLU A 122 -11.03 25.08 -4.16
C GLU A 122 -9.89 24.72 -3.17
N LEU A 123 -10.24 23.96 -2.14
CA LEU A 123 -9.26 23.34 -1.22
C LEU A 123 -8.15 22.53 -1.93
N PHE A 124 -8.53 21.89 -3.04
CA PHE A 124 -7.65 21.04 -3.82
C PHE A 124 -7.01 21.73 -5.04
N ARG A 125 -7.10 23.07 -5.12
CA ARG A 125 -6.50 23.88 -6.20
C ARG A 125 -5.12 23.43 -6.68
N ALA A 126 -4.22 23.06 -5.76
CA ALA A 126 -2.84 22.70 -6.16
C ALA A 126 -2.75 21.43 -7.01
N LEU A 127 -3.79 20.58 -7.03
CA LEU A 127 -3.75 19.39 -7.87
C LEU A 127 -3.78 19.71 -9.35
N GLY A 128 -4.32 20.86 -9.72
CA GLY A 128 -4.32 21.29 -11.11
C GLY A 128 -5.21 20.43 -11.98
N CYS A 129 -6.33 20.00 -11.42
CA CYS A 129 -7.29 19.26 -12.18
C CYS A 129 -8.65 19.42 -11.53
N SER A 130 -9.24 20.59 -11.77
CA SER A 130 -10.51 20.96 -11.19
C SER A 130 -11.70 20.36 -11.94
N GLU A 131 -11.45 19.74 -13.09
CA GLU A 131 -12.48 19.07 -13.88
C GLU A 131 -12.79 17.74 -13.22
N LEU A 132 -11.73 16.97 -12.94
CA LEU A 132 -11.81 15.75 -12.16
C LEU A 132 -12.49 15.98 -10.80
N ILE A 133 -12.12 17.07 -10.12
CA ILE A 133 -12.61 17.32 -8.77
C ILE A 133 -14.05 17.79 -8.80
N SER A 134 -14.39 18.69 -9.71
CA SER A 134 -15.77 19.16 -9.86
C SER A 134 -16.72 17.98 -10.15
N SER A 135 -16.30 17.09 -11.05
CA SER A 135 -17.14 15.96 -11.42
C SER A 135 -17.29 14.94 -10.29
N ILE A 136 -16.28 14.81 -9.44
CA ILE A 136 -16.42 14.03 -8.20
C ILE A 136 -17.44 14.68 -7.25
N PHE A 137 -17.34 16.01 -7.09
CA PHE A 137 -18.31 16.76 -6.29
C PHE A 137 -19.76 16.64 -6.83
N ASP A 138 -19.95 16.69 -8.15
CA ASP A 138 -21.28 16.48 -8.75
C ASP A 138 -21.80 15.08 -8.49
N PHE A 139 -20.91 14.10 -8.59
CA PHE A 139 -21.25 12.70 -8.33
C PHE A 139 -21.73 12.48 -6.91
N SER A 140 -20.98 12.98 -5.92
CA SER A 140 -21.45 12.96 -4.52
C SER A 140 -22.76 13.72 -4.34
N HIS A 141 -22.89 14.87 -5.02
CA HIS A 141 -24.11 15.69 -4.97
C HIS A 141 -25.33 14.89 -5.39
N SER A 142 -25.21 14.19 -6.51
CA SER A 142 -26.32 13.41 -7.05
C SER A 142 -26.67 12.21 -6.13
N LEU A 143 -25.69 11.55 -5.53
CA LEU A 143 -25.95 10.50 -4.52
C LEU A 143 -26.51 11.06 -3.22
N SER A 144 -25.98 12.22 -2.82
CA SER A 144 -26.47 12.95 -1.66
C SER A 144 -27.98 13.20 -1.76
N ALA A 145 -28.48 13.49 -2.96
CA ALA A 145 -29.92 13.75 -3.18
C ALA A 145 -30.80 12.55 -2.82
N LEU A 146 -30.27 11.34 -2.98
CA LEU A 146 -31.00 10.13 -2.64
C LEU A 146 -31.18 9.87 -1.14
N HIS A 147 -30.44 10.58 -0.28
CA HIS A 147 -30.44 10.33 1.16
C HIS A 147 -30.26 8.86 1.44
N PHE A 148 -29.23 8.27 0.84
CA PHE A 148 -28.87 6.89 1.06
C PHE A 148 -28.83 6.55 2.54
N SER A 149 -29.55 5.51 2.94
CA SER A 149 -29.39 4.95 4.27
C SER A 149 -28.09 4.14 4.33
N GLU A 150 -27.62 3.91 5.54
CA GLU A 150 -26.43 3.11 5.78
C GLU A 150 -26.52 1.72 5.16
N ASP A 151 -27.68 1.08 5.30
CA ASP A 151 -27.89 -0.26 4.75
C ASP A 151 -28.02 -0.24 3.22
N GLU A 152 -28.54 0.86 2.67
CA GLU A 152 -28.56 1.02 1.20
C GLU A 152 -27.15 1.12 0.60
N ILE A 153 -26.30 1.91 1.24
CA ILE A 153 -24.89 2.02 0.85
C ILE A 153 -24.19 0.67 0.96
N ALA A 154 -24.44 -0.02 2.07
CA ALA A 154 -23.88 -1.36 2.29
C ALA A 154 -24.16 -2.25 1.11
N LEU A 155 -25.42 -2.27 0.69
CA LEU A 155 -25.88 -3.19 -0.34
C LEU A 155 -25.47 -2.75 -1.73
N TYR A 156 -25.51 -1.44 -1.99
CA TYR A 156 -25.08 -0.90 -3.28
C TYR A 156 -23.57 -1.14 -3.51
N THR A 157 -22.74 -0.84 -2.52
CA THR A 157 -21.29 -1.00 -2.67
C THR A 157 -20.83 -2.44 -2.80
N ALA A 158 -21.57 -3.37 -2.20
CA ALA A 158 -21.32 -4.80 -2.43
C ALA A 158 -21.56 -5.14 -3.89
N LEU A 159 -22.61 -4.58 -4.47
CA LEU A 159 -22.90 -4.78 -5.90
C LEU A 159 -21.91 -4.07 -6.81
N VAL A 160 -21.33 -2.96 -6.37
CA VAL A 160 -20.22 -2.34 -7.09
C VAL A 160 -18.99 -3.28 -7.17
N LEU A 161 -18.65 -3.91 -6.04
CA LEU A 161 -17.56 -4.87 -5.99
C LEU A 161 -17.81 -6.09 -6.84
N ILE A 162 -18.91 -6.77 -6.52
CA ILE A 162 -19.19 -8.09 -7.08
C ILE A 162 -19.85 -7.91 -8.43
N ASN A 163 -19.01 -7.82 -9.46
CA ASN A 163 -19.43 -7.56 -10.81
C ASN A 163 -18.78 -8.58 -11.73
N ALA A 164 -19.56 -9.56 -12.19
CA ALA A 164 -19.08 -10.63 -13.06
C ALA A 164 -18.71 -10.21 -14.49
N HIS A 165 -18.88 -8.93 -14.85
CA HIS A 165 -18.37 -8.42 -16.14
C HIS A 165 -16.93 -7.92 -16.09
N ARG A 166 -16.27 -7.97 -14.92
CA ARG A 166 -14.86 -7.55 -14.84
C ARG A 166 -14.00 -8.40 -15.76
N PRO A 167 -13.12 -7.76 -16.56
CA PRO A 167 -12.23 -8.56 -17.40
C PRO A 167 -11.24 -9.38 -16.56
N GLY A 168 -11.09 -10.66 -16.89
CA GLY A 168 -10.07 -11.53 -16.27
C GLY A 168 -10.54 -12.49 -15.18
N LEU A 169 -11.83 -12.77 -15.14
CA LEU A 169 -12.36 -13.67 -14.13
C LEU A 169 -12.18 -15.08 -14.64
N GLN A 170 -11.78 -15.98 -13.75
CA GLN A 170 -11.63 -17.39 -14.06
C GLN A 170 -12.86 -18.21 -13.73
N GLU A 171 -13.63 -17.78 -12.73
CA GLU A 171 -14.86 -18.45 -12.32
C GLU A 171 -16.07 -17.51 -12.48
N LYS A 172 -16.31 -17.08 -13.72
CA LYS A 172 -17.37 -16.10 -14.05
C LYS A 172 -18.73 -16.50 -13.47
N ARG A 173 -19.14 -17.74 -13.73
CA ARG A 173 -20.36 -18.33 -13.18
C ARG A 173 -20.51 -18.12 -11.66
N LYS A 174 -19.43 -18.38 -10.94
CA LYS A 174 -19.44 -18.27 -9.47
C LYS A 174 -19.69 -16.82 -8.99
N VAL A 175 -19.11 -15.85 -9.69
CA VAL A 175 -19.26 -14.43 -9.35
C VAL A 175 -20.65 -13.95 -9.74
N GLU A 176 -21.17 -14.45 -10.87
CA GLU A 176 -22.56 -14.23 -11.28
C GLU A 176 -23.57 -14.68 -10.21
N GLN A 177 -23.40 -15.90 -9.74
CA GLN A 177 -24.29 -16.45 -8.71
C GLN A 177 -24.29 -15.54 -7.48
N LEU A 178 -23.12 -15.04 -7.12
CA LEU A 178 -23.02 -14.14 -5.98
C LEU A 178 -23.71 -12.81 -6.31
N GLN A 179 -23.35 -12.25 -7.46
CA GLN A 179 -23.95 -11.01 -7.92
C GLN A 179 -25.49 -11.04 -7.91
N TYR A 180 -26.07 -12.10 -8.47
CA TYR A 180 -27.53 -12.18 -8.55
C TYR A 180 -28.18 -12.30 -7.18
N ASN A 181 -27.52 -13.01 -6.27
CA ASN A 181 -27.98 -13.08 -4.88
C ASN A 181 -27.95 -11.74 -4.16
N LEU A 182 -26.98 -10.90 -4.48
CA LEU A 182 -26.88 -9.58 -3.89
C LEU A 182 -27.88 -8.61 -4.54
N GLU A 183 -28.11 -8.76 -5.84
CA GLU A 183 -29.11 -7.96 -6.56
C GLU A 183 -30.51 -8.20 -5.96
N LEU A 184 -30.83 -9.47 -5.70
CA LEU A 184 -32.09 -9.85 -5.06
C LEU A 184 -32.16 -9.31 -3.64
N ALA A 185 -31.09 -9.51 -2.87
CA ALA A 185 -31.02 -9.01 -1.50
C ALA A 185 -31.29 -7.51 -1.40
N PHE A 186 -30.72 -6.75 -2.34
CA PHE A 186 -30.89 -5.31 -2.41
C PHE A 186 -32.36 -4.98 -2.68
N HIS A 187 -32.89 -5.56 -3.74
CA HIS A 187 -34.29 -5.40 -4.14
C HIS A 187 -35.27 -5.76 -3.00
N HIS A 188 -35.00 -6.89 -2.34
CA HIS A 188 -35.84 -7.35 -1.25
C HIS A 188 -35.81 -6.35 -0.12
N HIS A 189 -34.61 -5.86 0.26
CA HIS A 189 -34.51 -4.92 1.37
C HIS A 189 -35.14 -3.58 1.04
N LEU A 190 -35.02 -3.14 -0.20
CA LEU A 190 -35.72 -1.93 -0.65
C LEU A 190 -37.23 -2.06 -0.51
N CYS A 191 -37.76 -3.23 -0.85
CA CYS A 191 -39.18 -3.54 -0.67
C CYS A 191 -39.60 -3.53 0.79
N LYS A 192 -38.84 -4.21 1.65
CA LYS A 192 -39.07 -4.17 3.12
C LYS A 192 -39.16 -2.74 3.68
N THR A 193 -38.33 -1.84 3.14
CA THR A 193 -38.27 -0.45 3.60
C THR A 193 -39.01 0.55 2.71
N HIS A 194 -39.81 0.07 1.76
CA HIS A 194 -40.56 0.94 0.85
C HIS A 194 -39.67 2.03 0.20
N ARG A 195 -38.53 1.59 -0.31
CA ARG A 195 -37.58 2.48 -0.93
C ARG A 195 -37.27 2.03 -2.36
N GLN A 196 -38.27 1.43 -3.02
CA GLN A 196 -38.11 0.95 -4.39
C GLN A 196 -37.80 2.10 -5.38
N SER A 197 -38.28 3.30 -5.07
CA SER A 197 -38.09 4.47 -5.91
C SER A 197 -36.61 4.81 -6.17
N ILE A 198 -35.69 4.43 -5.28
CA ILE A 198 -34.28 4.78 -5.49
C ILE A 198 -33.63 4.08 -6.68
N LEU A 199 -34.16 2.91 -7.07
CA LEU A 199 -33.63 2.12 -8.19
C LEU A 199 -33.55 2.90 -9.52
N ALA A 200 -34.60 3.63 -9.85
CA ALA A 200 -34.60 4.47 -11.05
C ALA A 200 -33.65 5.67 -10.95
N LYS A 201 -33.40 6.16 -9.74
CA LYS A 201 -32.52 7.31 -9.54
C LYS A 201 -31.02 6.94 -9.39
N LEU A 202 -30.67 5.66 -9.38
CA LEU A 202 -29.26 5.25 -9.23
C LEU A 202 -28.42 5.69 -10.42
N PRO A 203 -27.09 5.82 -10.23
CA PRO A 203 -26.24 6.17 -11.37
C PRO A 203 -26.29 5.13 -12.47
N PRO A 204 -26.06 5.53 -13.73
CA PRO A 204 -26.00 4.53 -14.80
C PRO A 204 -24.84 3.55 -14.60
N LYS A 205 -24.99 2.34 -15.17
CA LYS A 205 -23.92 1.35 -15.15
C LYS A 205 -22.71 1.89 -15.94
N GLY A 206 -21.55 1.96 -15.29
CA GLY A 206 -20.33 2.44 -15.92
C GLY A 206 -20.11 3.94 -15.93
N LYS A 207 -21.06 4.73 -15.43
CA LYS A 207 -20.85 6.19 -15.25
C LYS A 207 -19.92 6.38 -14.05
N LEU A 208 -20.05 5.46 -13.10
CA LEU A 208 -19.11 5.31 -12.01
C LEU A 208 -17.71 4.92 -12.54
N ARG A 209 -17.63 3.88 -13.39
CA ARG A 209 -16.35 3.42 -13.97
C ARG A 209 -15.72 4.36 -15.01
N SER A 210 -16.53 5.14 -15.73
CA SER A 210 -16.01 6.15 -16.67
C SER A 210 -15.38 7.34 -15.93
N LEU A 211 -15.78 7.54 -14.67
CA LEU A 211 -15.10 8.50 -13.77
C LEU A 211 -13.70 8.03 -13.31
N CYS A 212 -13.38 6.74 -13.50
CA CYS A 212 -12.02 6.22 -13.31
C CYS A 212 -11.23 5.97 -14.64
N SER A 213 -11.64 6.66 -15.73
CA SER A 213 -10.88 6.70 -17.00
C SER A 213 -9.86 7.85 -16.97
N GLN A 214 -10.25 8.98 -16.40
CA GLN A 214 -9.32 10.07 -16.04
C GLN A 214 -8.37 9.61 -14.92
N HIS A 215 -8.94 8.91 -13.93
CA HIS A 215 -8.25 8.47 -12.70
C HIS A 215 -7.32 7.26 -12.93
N ALA B 1 30.98 -0.87 -22.63
CA ALA B 1 31.02 0.28 -21.67
C ALA B 1 32.44 0.55 -21.13
N SER B 2 32.87 1.82 -21.14
CA SER B 2 34.25 2.23 -20.76
C SER B 2 34.43 2.53 -19.27
N LEU B 3 35.65 2.79 -18.84
CA LEU B 3 35.94 3.16 -17.44
C LEU B 3 35.11 4.37 -16.95
N THR B 4 35.01 5.40 -17.77
CA THR B 4 34.19 6.58 -17.44
C THR B 4 32.71 6.25 -17.28
N GLU B 5 32.16 5.46 -18.20
CA GLU B 5 30.76 5.02 -18.12
C GLU B 5 30.52 4.28 -16.82
N ILE B 6 31.40 3.31 -16.52
CA ILE B 6 31.27 2.49 -15.31
C ILE B 6 31.47 3.31 -14.03
N GLU B 7 32.42 4.24 -14.03
CA GLU B 7 32.68 5.07 -12.85
C GLU B 7 31.51 6.04 -12.61
N HIS B 8 30.91 6.55 -13.68
CA HIS B 8 29.71 7.39 -13.57
C HIS B 8 28.56 6.58 -13.00
N LEU B 9 28.38 5.37 -13.51
CA LEU B 9 27.34 4.44 -13.02
C LEU B 9 27.45 4.20 -11.51
N VAL B 10 28.68 3.95 -11.05
CA VAL B 10 28.97 3.80 -9.63
C VAL B 10 28.49 5.00 -8.81
N GLN B 11 28.89 6.20 -9.24
CA GLN B 11 28.50 7.44 -8.55
C GLN B 11 27.01 7.67 -8.66
N SER B 12 26.46 7.33 -9.81
CA SER B 12 25.02 7.42 -10.06
C SER B 12 24.21 6.57 -9.08
N VAL B 13 24.60 5.31 -8.93
CA VAL B 13 23.90 4.36 -8.06
C VAL B 13 24.02 4.77 -6.58
N CYS B 14 25.20 5.22 -6.16
CA CYS B 14 25.41 5.66 -4.78
C CYS B 14 24.57 6.89 -4.41
N LYS B 15 24.42 7.82 -5.34
CA LYS B 15 23.57 8.99 -5.14
C LYS B 15 22.11 8.55 -4.99
N SER B 16 21.67 7.66 -5.87
CA SER B 16 20.30 7.13 -5.80
C SER B 16 20.04 6.55 -4.41
N TYR B 17 20.96 5.71 -3.93
CA TYR B 17 20.86 5.15 -2.60
C TYR B 17 20.83 6.22 -1.54
N ARG B 18 21.80 7.14 -1.61
CA ARG B 18 21.87 8.25 -0.65
C ARG B 18 20.56 9.04 -0.55
N GLU B 19 19.90 9.25 -1.69
CA GLU B 19 18.62 9.97 -1.76
C GLU B 19 17.42 9.13 -1.30
N THR B 20 17.57 7.81 -1.29
CA THR B 20 16.46 6.91 -0.95
C THR B 20 16.78 5.94 0.18
N CYS B 21 17.79 6.24 0.99
CA CYS B 21 18.25 5.28 2.01
C CYS B 21 17.25 5.17 3.17
N GLN B 22 16.36 6.16 3.27
CA GLN B 22 15.22 6.18 4.21
C GLN B 22 15.63 6.75 5.55
N LEU B 23 16.59 6.10 6.20
CA LEU B 23 17.16 6.59 7.45
C LEU B 23 18.66 6.77 7.24
N ARG B 24 19.17 7.93 7.62
CA ARG B 24 20.58 8.26 7.49
C ARG B 24 21.39 7.38 8.44
N LEU B 25 22.51 6.85 7.97
CA LEU B 25 23.37 5.98 8.79
C LEU B 25 23.76 6.68 10.08
N GLU B 26 24.22 7.91 9.93
CA GLU B 26 24.51 8.84 11.03
C GLU B 26 23.54 8.73 12.21
N ASP B 27 22.24 8.74 11.91
CA ASP B 27 21.19 8.74 12.94
C ASP B 27 20.97 7.36 13.57
N LEU B 28 21.05 6.29 12.76
CA LEU B 28 20.96 4.92 13.27
C LEU B 28 22.01 4.63 14.34
N LEU B 29 23.26 4.99 14.05
CA LEU B 29 24.39 4.77 14.97
C LEU B 29 24.27 5.57 16.28
N ARG B 30 23.92 6.84 16.16
CA ARG B 30 23.78 7.72 17.35
C ARG B 30 22.71 7.25 18.34
N GLN B 31 21.67 6.60 17.82
CA GLN B 31 20.59 6.04 18.60
C GLN B 31 20.85 4.66 19.19
N ARG B 32 21.97 4.01 18.83
CA ARG B 32 22.33 2.67 19.38
C ARG B 32 22.31 2.58 20.91
N SER B 33 22.59 3.69 21.57
CA SER B 33 22.49 3.80 23.04
C SER B 33 21.05 3.96 23.57
N ASN B 34 20.12 4.39 22.71
CA ASN B 34 18.71 4.57 23.10
C ASN B 34 17.97 3.22 22.97
N ILE B 35 17.88 2.49 24.08
CA ILE B 35 17.45 1.10 24.11
C ILE B 35 16.18 0.93 24.94
N PHE B 36 15.28 0.07 24.47
CA PHE B 36 14.03 -0.24 25.19
C PHE B 36 14.32 -0.81 26.59
N SER B 37 13.58 -0.33 27.59
CA SER B 37 13.62 -0.86 28.95
C SER B 37 12.87 -2.19 28.99
N ARG B 38 13.06 -2.99 30.04
CA ARG B 38 12.32 -4.24 30.16
C ARG B 38 10.81 -4.01 30.27
N GLU B 39 10.41 -2.83 30.74
CA GLU B 39 9.02 -2.47 30.86
C GLU B 39 8.41 -2.22 29.49
N GLU B 40 9.16 -1.51 28.64
CA GLU B 40 8.73 -1.23 27.26
C GLU B 40 8.70 -2.50 26.39
N VAL B 41 9.66 -3.38 26.62
CA VAL B 41 9.74 -4.69 25.94
C VAL B 41 8.52 -5.54 26.28
N THR B 42 8.25 -5.71 27.58
CA THR B 42 7.07 -6.42 28.06
C THR B 42 5.79 -5.86 27.43
N GLY B 43 5.72 -4.54 27.32
CA GLY B 43 4.62 -3.85 26.65
C GLY B 43 4.42 -4.32 25.22
N TYR B 44 5.52 -4.51 24.49
CA TYR B 44 5.46 -5.08 23.14
C TYR B 44 5.06 -6.55 23.11
N GLN B 45 5.52 -7.31 24.10
CA GLN B 45 5.26 -8.73 24.16
C GLN B 45 3.82 -9.04 24.54
N ARG B 46 3.18 -8.11 25.26
CA ARG B 46 1.76 -8.26 25.63
C ARG B 46 0.78 -8.00 24.49
N LYS B 47 1.22 -7.31 23.43
CA LYS B 47 0.36 -7.00 22.30
C LYS B 47 -0.07 -8.25 21.57
N SER B 48 -1.22 -8.17 20.92
CA SER B 48 -1.69 -9.27 20.11
C SER B 48 -0.75 -9.51 18.91
N MET B 49 -0.72 -10.75 18.43
CA MET B 49 -0.02 -11.10 17.20
C MET B 49 -0.51 -10.24 16.05
N TRP B 50 -1.83 -10.02 16.01
CA TRP B 50 -2.47 -9.17 15.01
C TRP B 50 -1.97 -7.74 15.05
N GLU B 51 -1.80 -7.16 16.24
CA GLU B 51 -1.27 -5.80 16.34
C GLU B 51 0.19 -5.71 15.90
N MET B 52 1.01 -6.70 16.29
CA MET B 52 2.42 -6.71 15.91
C MET B 52 2.61 -6.89 14.38
N TRP B 53 1.80 -7.72 13.73
CA TRP B 53 1.89 -7.89 12.27
C TRP B 53 1.48 -6.63 11.51
N GLU B 54 0.41 -6.01 11.99
CA GLU B 54 -0.08 -4.74 11.47
C GLU B 54 1.01 -3.66 11.52
N ARG B 55 1.72 -3.60 12.64
CA ARG B 55 2.80 -2.66 12.83
C ARG B 55 4.01 -2.92 11.94
N CYS B 56 4.47 -4.17 11.96
CA CYS B 56 5.63 -4.60 11.19
C CYS B 56 5.37 -4.48 9.68
N ALA B 57 4.18 -4.89 9.26
CA ALA B 57 3.72 -4.73 7.88
C ALA B 57 3.69 -3.27 7.46
N HIS B 58 3.24 -2.39 8.35
CA HIS B 58 3.26 -0.96 8.05
C HIS B 58 4.68 -0.47 7.83
N HIS B 59 5.59 -0.90 8.70
CA HIS B 59 6.97 -0.42 8.61
C HIS B 59 7.68 -1.00 7.38
N LEU B 60 7.45 -2.25 7.08
CA LEU B 60 8.10 -2.87 5.94
C LEU B 60 7.55 -2.33 4.61
N THR B 61 6.26 -2.00 4.60
CA THR B 61 5.62 -1.34 3.46
C THR B 61 6.16 0.06 3.24
N GLU B 62 6.31 0.84 4.31
CA GLU B 62 6.97 2.12 4.20
C GLU B 62 8.37 1.89 3.55
N ALA B 63 9.14 0.93 4.08
CA ALA B 63 10.48 0.64 3.59
C ALA B 63 10.53 0.23 2.11
N ILE B 64 9.50 -0.46 1.64
CA ILE B 64 9.42 -0.89 0.23
C ILE B 64 9.21 0.31 -0.72
N GLN B 65 8.48 1.31 -0.29
CA GLN B 65 8.27 2.50 -1.11
C GLN B 65 9.61 3.21 -1.42
N TYR B 66 10.51 3.26 -0.44
CA TYR B 66 11.85 3.84 -0.67
C TYR B 66 12.73 2.97 -1.58
N VAL B 67 12.53 1.66 -1.53
CA VAL B 67 13.13 0.74 -2.47
C VAL B 67 12.58 0.97 -3.89
N VAL B 68 11.28 1.25 -4.01
CA VAL B 68 10.71 1.60 -5.29
C VAL B 68 11.36 2.87 -5.86
N GLU B 69 11.51 3.89 -5.02
CA GLU B 69 12.16 5.15 -5.47
C GLU B 69 13.59 4.93 -5.94
N PHE B 70 14.29 4.05 -5.22
CA PHE B 70 15.64 3.65 -5.56
C PHE B 70 15.70 3.07 -6.97
N ALA B 71 14.84 2.08 -7.23
CA ALA B 71 14.81 1.41 -8.52
C ALA B 71 14.55 2.38 -9.68
N LYS B 72 13.53 3.23 -9.51
CA LYS B 72 13.20 4.27 -10.49
C LYS B 72 14.39 5.19 -10.82
N ARG B 73 15.25 5.46 -9.84
CA ARG B 73 16.46 6.27 -10.07
C ARG B 73 17.62 5.55 -10.79
N LEU B 74 17.64 4.23 -10.76
CA LEU B 74 18.68 3.47 -11.48
C LEU B 74 18.67 3.75 -12.97
N SER B 75 19.86 3.78 -13.56
CA SER B 75 20.03 3.88 -15.02
C SER B 75 19.50 2.60 -15.62
N GLY B 76 18.62 2.71 -16.58
CA GLY B 76 18.15 1.55 -17.32
C GLY B 76 16.92 0.92 -16.74
N PHE B 77 16.67 1.07 -15.44
CA PHE B 77 15.48 0.48 -14.84
C PHE B 77 14.22 1.00 -15.50
N MET B 78 14.13 2.32 -15.67
CA MET B 78 12.99 2.95 -16.37
C MET B 78 12.92 2.62 -17.86
N GLU B 79 14.07 2.33 -18.48
CA GLU B 79 14.11 1.85 -19.88
C GLU B 79 13.54 0.44 -20.11
N LEU B 80 13.41 -0.37 -19.06
CA LEU B 80 12.78 -1.71 -19.17
C LEU B 80 11.26 -1.56 -19.30
N CYS B 81 10.59 -2.59 -19.82
CA CYS B 81 9.13 -2.54 -20.02
C CYS B 81 8.34 -2.59 -18.72
N GLN B 82 7.09 -2.11 -18.77
CA GLN B 82 6.15 -2.16 -17.65
C GLN B 82 6.26 -3.47 -16.86
N ASN B 83 6.13 -4.58 -17.58
CA ASN B 83 6.05 -5.93 -17.00
C ASN B 83 7.32 -6.32 -16.23
N ASP B 84 8.47 -6.06 -16.84
CA ASP B 84 9.76 -6.44 -16.24
C ASP B 84 10.05 -5.65 -14.97
N GLN B 85 9.69 -4.37 -14.95
CA GLN B 85 9.88 -3.54 -13.76
C GLN B 85 9.15 -4.19 -12.60
N ILE B 86 7.87 -4.48 -12.81
CA ILE B 86 7.03 -5.08 -11.78
C ILE B 86 7.62 -6.41 -11.30
N VAL B 87 8.03 -7.25 -12.24
CA VAL B 87 8.58 -8.56 -11.94
C VAL B 87 9.80 -8.45 -11.02
N LEU B 88 10.73 -7.53 -11.35
CA LEU B 88 11.99 -7.37 -10.61
C LEU B 88 11.78 -6.82 -9.21
N LEU B 89 10.84 -5.89 -9.06
CA LEU B 89 10.47 -5.34 -7.74
C LEU B 89 9.68 -6.34 -6.91
N LYS B 90 8.71 -6.99 -7.53
CA LYS B 90 7.92 -8.03 -6.87
C LYS B 90 8.86 -9.08 -6.23
N ALA B 91 9.85 -9.55 -6.98
CA ALA B 91 10.79 -10.56 -6.50
C ALA B 91 11.80 -9.99 -5.50
N GLY B 92 12.30 -8.80 -5.80
CA GLY B 92 13.47 -8.28 -5.13
C GLY B 92 13.29 -7.28 -4.01
N ALA B 93 12.13 -6.62 -3.94
CA ALA B 93 12.00 -5.49 -3.02
C ALA B 93 12.19 -5.86 -1.56
N MET B 94 11.51 -6.89 -1.10
CA MET B 94 11.67 -7.37 0.28
C MET B 94 13.11 -7.78 0.62
N GLU B 95 13.78 -8.46 -0.31
CA GLU B 95 15.20 -8.80 -0.11
C GLU B 95 16.06 -7.55 0.09
N VAL B 96 15.82 -6.51 -0.70
CA VAL B 96 16.54 -5.23 -0.53
C VAL B 96 16.30 -4.63 0.86
N VAL B 97 15.05 -4.64 1.32
CA VAL B 97 14.71 -4.11 2.64
C VAL B 97 15.51 -4.85 3.72
N LEU B 98 15.55 -6.18 3.64
CA LEU B 98 16.31 -6.99 4.61
C LEU B 98 17.80 -6.63 4.65
N VAL B 99 18.40 -6.42 3.48
CA VAL B 99 19.81 -6.00 3.43
C VAL B 99 20.01 -4.61 4.02
N ARG B 100 19.14 -3.67 3.66
CA ARG B 100 19.16 -2.31 4.23
C ARG B 100 18.99 -2.32 5.73
N MET B 101 18.24 -3.29 6.23
CA MET B 101 18.00 -3.44 7.67
C MET B 101 19.30 -3.59 8.45
N CYS B 102 20.32 -4.26 7.90
CA CYS B 102 21.61 -4.47 8.61
C CYS B 102 22.20 -3.18 9.16
N ARG B 103 21.96 -2.06 8.47
CA ARG B 103 22.36 -0.74 8.97
C ARG B 103 21.72 -0.40 10.31
N ALA B 104 20.47 -0.80 10.49
CA ALA B 104 19.76 -0.61 11.74
C ALA B 104 20.05 -1.69 12.79
N TYR B 105 21.09 -2.51 12.60
CA TYR B 105 21.41 -3.61 13.51
C TYR B 105 22.72 -3.37 14.24
N ASN B 106 22.74 -3.71 15.52
CA ASN B 106 23.90 -3.54 16.37
C ASN B 106 24.35 -4.92 16.85
N ALA B 107 25.44 -5.41 16.27
CA ALA B 107 26.02 -6.69 16.66
C ALA B 107 26.54 -6.74 18.11
N ASP B 108 26.96 -5.60 18.66
CA ASP B 108 27.44 -5.52 20.06
C ASP B 108 26.47 -6.13 21.07
N ASN B 109 25.18 -5.83 20.91
CA ASN B 109 24.14 -6.28 21.85
C ASN B 109 22.97 -7.05 21.20
N ARG B 110 23.12 -7.41 19.92
CA ARG B 110 22.10 -8.16 19.17
C ARG B 110 20.70 -7.48 19.16
N THR B 111 20.68 -6.16 18.93
CA THR B 111 19.45 -5.37 18.86
C THR B 111 19.22 -4.72 17.50
N VAL B 112 17.97 -4.37 17.23
CA VAL B 112 17.56 -3.72 15.98
C VAL B 112 16.67 -2.53 16.28
N PHE B 113 16.72 -1.53 15.42
CA PHE B 113 15.93 -0.30 15.59
C PHE B 113 14.49 -0.58 15.24
N PHE B 114 13.58 -0.25 16.15
CA PHE B 114 12.16 -0.47 15.98
C PHE B 114 11.41 0.59 16.80
N GLU B 115 10.50 1.30 16.13
CA GLU B 115 9.70 2.38 16.73
C GLU B 115 10.45 3.33 17.68
N GLY B 116 11.56 3.88 17.21
CA GLY B 116 12.31 4.94 17.93
C GLY B 116 13.42 4.52 18.87
N LYS B 117 13.55 3.22 19.13
CA LYS B 117 14.60 2.70 20.03
C LYS B 117 15.06 1.33 19.55
N TYR B 118 16.16 0.86 20.14
CA TYR B 118 16.71 -0.46 19.83
C TYR B 118 16.19 -1.52 20.78
N GLY B 119 15.88 -2.69 20.24
CA GLY B 119 15.46 -3.85 21.03
C GLY B 119 15.95 -5.16 20.44
N GLY B 120 16.06 -6.18 21.27
CA GLY B 120 16.42 -7.51 20.84
C GLY B 120 15.27 -8.25 20.21
N MET B 121 15.48 -9.53 19.91
CA MET B 121 14.50 -10.32 19.17
C MET B 121 13.28 -10.73 20.01
N GLU B 122 13.42 -10.70 21.33
CA GLU B 122 12.30 -10.97 22.24
C GLU B 122 11.17 -9.94 22.13
N LEU B 123 11.48 -8.75 21.65
CA LEU B 123 10.48 -7.74 21.27
C LEU B 123 9.36 -8.26 20.35
N PHE B 124 9.67 -9.25 19.51
CA PHE B 124 8.73 -9.76 18.52
C PHE B 124 8.08 -11.09 18.92
N ARG B 125 8.08 -11.41 20.22
CA ARG B 125 7.57 -12.69 20.76
C ARG B 125 6.09 -12.97 20.42
N ALA B 126 5.26 -11.92 20.41
CA ALA B 126 3.84 -12.08 20.10
C ALA B 126 3.59 -12.65 18.70
N LEU B 127 4.54 -12.49 17.77
CA LEU B 127 4.35 -13.02 16.41
C LEU B 127 4.34 -14.55 16.40
N GLY B 128 5.06 -15.17 17.32
CA GLY B 128 5.05 -16.61 17.44
C GLY B 128 5.81 -17.30 16.32
N CYS B 129 6.97 -16.77 15.99
CA CYS B 129 7.84 -17.39 15.01
C CYS B 129 9.28 -16.96 15.26
N SER B 130 9.81 -17.42 16.38
CA SER B 130 11.15 -17.07 16.83
C SER B 130 12.27 -17.62 15.96
N GLU B 131 12.05 -18.78 15.32
CA GLU B 131 13.02 -19.35 14.37
C GLU B 131 13.20 -18.43 13.16
N LEU B 132 12.09 -18.00 12.56
CA LEU B 132 12.12 -16.98 11.48
C LEU B 132 12.74 -15.66 11.91
N ILE B 133 12.40 -15.18 13.10
CA ILE B 133 12.97 -13.92 13.62
C ILE B 133 14.48 -14.05 13.90
N SER B 134 14.90 -15.18 14.46
CA SER B 134 16.31 -15.36 14.79
C SER B 134 17.16 -15.43 13.54
N SER B 135 16.66 -16.08 12.49
CA SER B 135 17.39 -16.14 11.22
C SER B 135 17.46 -14.79 10.47
N ILE B 136 16.52 -13.89 10.69
CA ILE B 136 16.64 -12.50 10.20
C ILE B 136 17.72 -11.75 11.02
N PHE B 137 17.73 -11.99 12.33
CA PHE B 137 18.79 -11.45 13.21
C PHE B 137 20.18 -11.99 12.86
N ASP B 138 20.29 -13.31 12.68
CA ASP B 138 21.55 -13.98 12.27
C ASP B 138 22.06 -13.46 10.93
N PHE B 139 21.15 -13.36 9.97
CA PHE B 139 21.45 -12.74 8.68
C PHE B 139 21.96 -11.32 8.83
N SER B 140 21.27 -10.49 9.60
CA SER B 140 21.73 -9.13 9.88
C SER B 140 23.05 -9.08 10.61
N HIS B 141 23.26 -10.06 11.49
CA HIS B 141 24.49 -10.15 12.24
C HIS B 141 25.68 -10.37 11.32
N SER B 142 25.56 -11.37 10.45
CA SER B 142 26.60 -11.72 9.50
C SER B 142 26.97 -10.55 8.58
N LEU B 143 25.98 -9.76 8.16
CA LEU B 143 26.24 -8.55 7.37
C LEU B 143 26.82 -7.38 8.18
N SER B 144 26.41 -7.24 9.43
CA SER B 144 26.95 -6.18 10.29
C SER B 144 28.42 -6.38 10.59
N ALA B 145 28.82 -7.64 10.70
CA ALA B 145 30.23 -8.02 10.91
C ALA B 145 31.13 -7.67 9.72
N LEU B 146 30.57 -7.62 8.51
CA LEU B 146 31.28 -7.10 7.33
C LEU B 146 31.55 -5.59 7.33
N HIS B 147 30.90 -4.82 8.20
CA HIS B 147 31.02 -3.36 8.23
C HIS B 147 30.79 -2.80 6.82
N PHE B 148 29.58 -3.07 6.37
CA PHE B 148 29.14 -2.90 5.01
C PHE B 148 28.96 -1.40 4.81
N SER B 149 29.72 -0.80 3.89
CA SER B 149 29.64 0.66 3.66
C SER B 149 28.39 1.05 2.87
N GLU B 150 28.07 2.34 2.95
CA GLU B 150 26.90 2.90 2.29
C GLU B 150 26.88 2.61 0.80
N ASP B 151 28.02 2.76 0.15
CA ASP B 151 28.14 2.54 -1.27
C ASP B 151 28.11 1.04 -1.62
N GLU B 152 28.69 0.20 -0.76
CA GLU B 152 28.60 -1.25 -0.95
C GLU B 152 27.15 -1.72 -0.87
N ILE B 153 26.44 -1.23 0.14
CA ILE B 153 25.01 -1.47 0.25
C ILE B 153 24.27 -1.00 -1.00
N ALA B 154 24.59 0.20 -1.48
CA ALA B 154 23.98 0.74 -2.70
C ALA B 154 24.15 -0.20 -3.87
N LEU B 155 25.39 -0.60 -4.14
CA LEU B 155 25.72 -1.41 -5.31
C LEU B 155 25.21 -2.84 -5.21
N TYR B 156 25.30 -3.43 -4.01
CA TYR B 156 24.78 -4.79 -3.77
C TYR B 156 23.26 -4.85 -3.92
N THR B 157 22.54 -3.91 -3.30
CA THR B 157 21.08 -3.88 -3.39
C THR B 157 20.60 -3.65 -4.81
N ALA B 158 21.36 -2.89 -5.59
CA ALA B 158 21.08 -2.76 -7.03
C ALA B 158 21.13 -4.13 -7.75
N LEU B 159 22.10 -4.98 -7.42
CA LEU B 159 22.21 -6.32 -8.00
C LEU B 159 21.21 -7.33 -7.44
N VAL B 160 20.70 -7.10 -6.24
CA VAL B 160 19.61 -7.92 -5.72
C VAL B 160 18.33 -7.71 -6.57
N LEU B 161 18.02 -6.44 -6.90
CA LEU B 161 16.90 -6.11 -7.80
C LEU B 161 17.11 -6.54 -9.23
N ILE B 162 18.21 -6.12 -9.83
CA ILE B 162 18.43 -6.36 -11.26
C ILE B 162 19.04 -7.76 -11.44
N ASN B 163 18.17 -8.76 -11.31
CA ASN B 163 18.52 -10.16 -11.46
C ASN B 163 17.74 -10.71 -12.64
N ALA B 164 18.45 -11.06 -13.72
CA ALA B 164 17.85 -11.56 -14.95
C ALA B 164 17.37 -13.02 -14.89
N HIS B 165 17.45 -13.67 -13.73
CA HIS B 165 16.94 -15.04 -13.57
C HIS B 165 15.54 -15.11 -12.95
N ARG B 166 14.91 -13.97 -12.72
CA ARG B 166 13.54 -13.95 -12.24
C ARG B 166 12.64 -14.57 -13.32
N PRO B 167 11.76 -15.50 -12.94
CA PRO B 167 10.75 -15.96 -13.92
C PRO B 167 9.78 -14.84 -14.31
N GLY B 168 9.42 -14.79 -15.60
CA GLY B 168 8.39 -13.86 -16.13
C GLY B 168 8.88 -12.65 -16.89
N LEU B 169 10.15 -12.66 -17.29
CA LEU B 169 10.78 -11.51 -17.93
C LEU B 169 10.62 -11.56 -19.44
N GLN B 170 10.03 -10.52 -20.01
CA GLN B 170 9.90 -10.39 -21.46
C GLN B 170 11.23 -10.02 -22.11
N GLU B 171 11.92 -9.03 -21.55
CA GLU B 171 13.16 -8.51 -22.13
C GLU B 171 14.38 -8.99 -21.35
N LYS B 172 14.53 -10.31 -21.31
CA LYS B 172 15.59 -10.99 -20.54
C LYS B 172 16.97 -10.43 -20.89
N ARG B 173 17.20 -10.18 -22.18
CA ARG B 173 18.51 -9.69 -22.66
C ARG B 173 18.80 -8.27 -22.16
N LYS B 174 17.78 -7.40 -22.17
CA LYS B 174 17.90 -6.05 -21.60
C LYS B 174 18.33 -6.11 -20.13
N VAL B 175 17.76 -7.04 -19.37
CA VAL B 175 18.05 -7.13 -17.94
C VAL B 175 19.47 -7.68 -17.69
N GLU B 176 19.86 -8.70 -18.45
CA GLU B 176 21.25 -9.19 -18.47
C GLU B 176 22.27 -8.10 -18.75
N GLN B 177 21.96 -7.26 -19.72
CA GLN B 177 22.84 -6.15 -20.09
C GLN B 177 22.98 -5.18 -18.90
N LEU B 178 21.87 -4.89 -18.23
CA LEU B 178 21.88 -3.97 -17.10
C LEU B 178 22.61 -4.60 -15.91
N GLN B 179 22.27 -5.86 -15.62
CA GLN B 179 22.90 -6.60 -14.55
C GLN B 179 24.42 -6.60 -14.67
N TYR B 180 24.92 -6.88 -15.87
CA TYR B 180 26.34 -6.99 -16.10
C TYR B 180 27.08 -5.68 -15.78
N ASN B 181 26.52 -4.55 -16.17
CA ASN B 181 27.17 -3.25 -15.90
C ASN B 181 27.17 -2.92 -14.43
N LEU B 182 26.09 -3.28 -13.73
CA LEU B 182 26.02 -3.12 -12.30
C LEU B 182 27.02 -4.02 -11.58
N GLU B 183 27.30 -5.19 -12.15
CA GLU B 183 28.36 -6.10 -11.64
C GLU B 183 29.75 -5.51 -11.87
N LEU B 184 29.94 -4.96 -13.07
CA LEU B 184 31.11 -4.15 -13.37
C LEU B 184 31.31 -3.02 -12.39
N ALA B 185 30.25 -2.24 -12.18
CA ALA B 185 30.29 -1.11 -11.25
C ALA B 185 30.75 -1.58 -9.87
N PHE B 186 30.08 -2.62 -9.36
CA PHE B 186 30.34 -3.19 -8.03
C PHE B 186 31.79 -3.66 -7.89
N HIS B 187 32.21 -4.54 -8.80
CA HIS B 187 33.57 -5.09 -8.78
C HIS B 187 34.64 -3.99 -8.89
N HIS B 188 34.43 -3.05 -9.79
CA HIS B 188 35.35 -1.95 -9.97
C HIS B 188 35.47 -1.15 -8.70
N HIS B 189 34.33 -0.80 -8.09
CA HIS B 189 34.36 0.03 -6.90
C HIS B 189 35.02 -0.65 -5.69
N LEU B 190 34.88 -1.98 -5.61
CA LEU B 190 35.57 -2.76 -4.58
C LEU B 190 37.07 -2.74 -4.79
N CYS B 191 37.52 -2.70 -6.03
CA CYS B 191 38.93 -2.46 -6.32
C CYS B 191 39.42 -1.09 -5.86
N LYS B 192 38.79 -0.01 -6.35
CA LYS B 192 39.12 1.36 -5.91
C LYS B 192 39.20 1.52 -4.37
N THR B 193 38.35 0.79 -3.66
CA THR B 193 38.26 0.85 -2.20
C THR B 193 38.98 -0.29 -1.45
N HIS B 194 39.72 -1.15 -2.16
CA HIS B 194 40.46 -2.28 -1.56
C HIS B 194 39.59 -3.16 -0.71
N ARG B 195 38.40 -3.45 -1.23
CA ARG B 195 37.38 -4.15 -0.48
C ARG B 195 36.92 -5.43 -1.17
N GLN B 196 37.78 -6.03 -1.98
CA GLN B 196 37.45 -7.25 -2.73
C GLN B 196 37.17 -8.44 -1.79
N SER B 197 37.82 -8.43 -0.63
CA SER B 197 37.64 -9.42 0.42
C SER B 197 36.18 -9.71 0.83
N ILE B 198 35.29 -8.72 0.72
CA ILE B 198 33.87 -8.95 1.07
C ILE B 198 33.13 -9.91 0.14
N LEU B 199 33.54 -9.99 -1.12
CA LEU B 199 32.84 -10.82 -2.10
C LEU B 199 32.72 -12.26 -1.62
N ALA B 200 33.83 -12.84 -1.16
CA ALA B 200 33.80 -14.22 -0.65
C ALA B 200 33.01 -14.37 0.65
N LYS B 201 32.82 -13.28 1.40
CA LYS B 201 32.06 -13.32 2.67
C LYS B 201 30.56 -12.99 2.53
N LEU B 202 30.12 -12.47 1.37
CA LEU B 202 28.70 -12.17 1.16
C LEU B 202 27.83 -13.43 1.24
N PRO B 203 26.59 -13.29 1.72
CA PRO B 203 25.74 -14.48 1.74
C PRO B 203 25.38 -14.94 0.33
N PRO B 204 25.25 -16.26 0.14
CA PRO B 204 24.82 -16.77 -1.15
C PRO B 204 23.36 -16.39 -1.40
N LYS B 205 23.07 -15.79 -2.55
CA LYS B 205 21.69 -15.48 -2.93
C LYS B 205 20.96 -16.80 -3.14
N GLY B 206 19.74 -16.88 -2.59
CA GLY B 206 19.00 -18.14 -2.51
C GLY B 206 18.72 -18.52 -1.08
N LYS B 207 19.74 -18.41 -0.22
CA LYS B 207 19.57 -18.60 1.23
C LYS B 207 18.85 -17.37 1.81
N LEU B 208 19.16 -16.21 1.23
CA LEU B 208 18.39 -14.97 1.42
C LEU B 208 16.91 -15.18 1.08
N ARG B 209 16.65 -15.76 -0.09
CA ARG B 209 15.31 -16.02 -0.62
C ARG B 209 14.49 -17.09 0.11
N SER B 210 15.17 -18.12 0.63
CA SER B 210 14.52 -19.28 1.28
C SER B 210 13.86 -18.97 2.62
N LEU B 211 14.28 -17.88 3.26
CA LEU B 211 13.77 -17.49 4.57
C LEU B 211 12.29 -17.11 4.50
N CYS B 212 11.42 -18.04 4.90
CA CYS B 212 9.98 -17.77 5.04
C CYS B 212 9.32 -18.75 6.03
C4 CFG C . -14.67 9.86 4.14
C5 CFG C . -13.79 10.91 4.41
C6 CFG C . -12.41 10.70 4.35
C7 CFG C . -11.92 9.43 3.97
C8 CFG C . -12.80 8.38 3.70
C15 CFG C . -7.70 13.15 7.57
C20 CFG C . -10.85 12.02 3.26
C24 CFG C . -12.03 14.00 0.41
C26 CFG C . -10.78 13.73 -1.63
C28 CFG C . -10.04 12.62 0.37
C1 CFG C . -14.75 6.22 3.51
O2 CFG C . -15.09 7.61 3.52
C3 CFG C . -14.19 8.59 3.79
C9 CFG C . -11.46 11.85 4.64
N10 CFG C . -10.49 11.58 5.73
C11 CFG C . -10.75 10.53 6.73
C12 CFG C . -9.35 12.33 5.82
O13 CFG C . -9.16 13.21 4.99
C14 CFG C . -8.26 12.18 6.81
C16 CFG C . -6.66 12.52 8.30
O17 CFG C . -5.84 13.11 9.21
N18 CFG C . -6.67 11.27 7.92
O19 CFG C . -7.54 11.07 7.09
O21 CFG C . -9.89 11.35 2.92
N22 CFG C . -11.40 12.94 2.43
C23 CFG C . -11.10 13.20 1.09
C25 CFG C . -11.87 14.27 -0.94
C27 CFG C . -9.88 12.89 -0.99
SI CFG C . -10.63 14.07 -3.45
C30 CFG C . -8.92 14.61 -3.95
C31 CFG C . -11.04 12.47 -4.30
C32 CFG C . -11.91 15.31 -3.97
C4 CFG D . 15.53 0.42 9.23
C5 CFG D . 14.71 0.43 10.36
C6 CFG D . 13.33 0.58 10.26
C7 CFG D . 12.76 0.70 8.98
C8 CFG D . 13.57 0.69 7.84
C15 CFG D . 10.21 3.98 13.63
C20 CFG D . 11.77 -0.78 11.45
C24 CFG D . 12.94 -4.06 12.61
C26 CFG D . 11.60 -5.93 11.89
C28 CFG D . 10.83 -3.70 11.46
C1 CFG D . 15.34 0.18 5.56
O2 CFG D . 15.79 0.55 6.87
C3 CFG D . 14.96 0.54 7.96
C9 CFG D . 12.49 0.56 11.53
N10 CFG D . 11.67 1.79 11.74
C11 CFG D . 12.01 3.06 11.07
C12 CFG D . 10.62 1.75 12.59
O13 CFG D . 10.33 0.73 13.18
C14 CFG D . 9.79 2.92 12.89
C16 CFG D . 9.06 4.81 13.67
O17 CFG D . 9.00 6.02 14.29
N18 CFG D . 8.12 4.19 12.99
O19 CFG D . 8.50 3.13 12.56
O21 CFG D . 10.78 -0.88 10.77
N22 CFG D . 12.29 -1.82 12.17
C23 CFG D . 11.96 -3.18 12.13
C25 CFG D . 12.76 -5.43 12.52
C27 CFG D . 10.65 -5.07 11.35
SI CFG D . 11.38 -7.77 11.72
C30 CFG D . 9.65 -8.35 12.08
C31 CFG D . 11.72 -8.12 9.93
C32 CFG D . 12.65 -8.67 12.77
#